data_4B1W
#
_entry.id   4B1W
#
_cell.length_a   128.220
_cell.length_b   128.220
_cell.length_c   135.470
_cell.angle_alpha   90.00
_cell.angle_beta   90.00
_cell.angle_gamma   90.00
#
_symmetry.space_group_name_H-M   'I 4 2 2'
#
loop_
_entity.id
_entity.type
_entity.pdbx_description
1 polymer 'ACTIN, ALPHA SKELETAL MUSCLE'
2 polymer 'PHOSPHATASE AND ACTIN REGULATOR 1'
3 non-polymer 'LATRUNCULIN B'
4 non-polymer "ADENOSINE-5'-TRIPHOSPHATE"
5 non-polymer 'MAGNESIUM ION'
6 non-polymer 'SULFATE ION'
7 non-polymer GLYCEROL
8 water water
#
loop_
_entity_poly.entity_id
_entity_poly.type
_entity_poly.pdbx_seq_one_letter_code
_entity_poly.pdbx_strand_id
1 'polypeptide(L)'
;CDEDETTALVCDNGSGLVKAGFAGDDAPRAVFPSIVARPRHQGVMVGMGQKDSYVGDEAQSKRGILTLKYPIEHGIITNW
DDMEKIWHHTFYNELRVAPEEHPTLLTEAPLNPKANREKMTQIMFETFNVPAMYVAIQAVLSLYASGRTTGIVLDSGDGV
THNVPIYEGYALPHAIMRLDLAGRDLTDYLMKILTERGYSFVTTAEREIVRDIKEKLCYVALDFENEMATAASSSSLEKS
YELPDGQVITIGNERFRCPETLFQPSFIGMESAGIHETTYNSIMKCDIDIRKDLYANNVMSGGTTMYPGIADRMQKEITA
LAPSTMKIKIIAPPERKYSVWIGGSILASLSTFQQMWITKQEYDEAGPSIVHRKCF
;
B
2 'polypeptide(L)' KVCRKDSLAIKLSNRPSKRELEEKNILPRQTD M
#
loop_
_chem_comp.id
_chem_comp.type
_chem_comp.name
_chem_comp.formula
ATP non-polymer ADENOSINE-5'-TRIPHOSPHATE 'C10 H16 N5 O13 P3'
GOL non-polymer GLYCEROL 'C3 H8 O3'
LAB non-polymer 'LATRUNCULIN B' 'C20 H29 N O5 S'
MG non-polymer 'MAGNESIUM ION' 'Mg 2'
SO4 non-polymer 'SULFATE ION' 'O4 S -2'
#
# COMPACT_ATOMS: atom_id res chain seq x y z
N THR A 7 17.77 -5.55 -17.86
CA THR A 7 16.42 -5.82 -17.36
C THR A 7 16.17 -5.09 -16.04
N ALA A 8 15.18 -4.21 -16.01
CA ALA A 8 14.90 -3.41 -14.82
C ALA A 8 14.18 -4.21 -13.73
N LEU A 9 14.52 -3.89 -12.48
CA LEU A 9 13.88 -4.51 -11.32
C LEU A 9 12.90 -3.54 -10.69
N VAL A 10 11.83 -4.07 -10.10
CA VAL A 10 10.84 -3.27 -9.41
C VAL A 10 10.63 -3.82 -8.00
N CYS A 11 10.82 -2.98 -6.99
CA CYS A 11 10.67 -3.43 -5.62
C CYS A 11 9.75 -2.52 -4.81
N ASP A 12 8.59 -3.04 -4.43
CA ASP A 12 7.63 -2.30 -3.61
C ASP A 12 7.83 -2.69 -2.14
N ASN A 13 8.35 -1.75 -1.34
CA ASN A 13 8.72 -2.03 0.05
C ASN A 13 7.58 -1.78 1.04
N GLY A 14 6.77 -2.81 1.27
CA GLY A 14 5.61 -2.64 2.14
C GLY A 14 5.94 -2.75 3.61
N SER A 15 5.11 -2.13 4.45
CA SER A 15 5.17 -2.32 5.89
C SER A 15 5.00 -3.80 6.21
N GLY A 16 4.19 -4.49 5.41
CA GLY A 16 3.89 -5.90 5.66
C GLY A 16 4.54 -6.84 4.68
N LEU A 17 4.45 -6.51 3.40
CA LEU A 17 4.95 -7.40 2.36
C LEU A 17 5.84 -6.70 1.35
N VAL A 18 6.93 -7.38 1.00
CA VAL A 18 7.77 -6.95 -0.11
C VAL A 18 7.24 -7.61 -1.38
N LYS A 19 7.02 -6.80 -2.41
CA LYS A 19 6.67 -7.27 -3.75
C LYS A 19 7.83 -6.93 -4.70
N ALA A 20 8.42 -7.93 -5.34
CA ALA A 20 9.58 -7.68 -6.18
C ALA A 20 9.56 -8.51 -7.46
N GLY A 21 10.19 -7.99 -8.50
CA GLY A 21 10.22 -8.67 -9.78
C GLY A 21 10.89 -7.86 -10.88
N PHE A 22 10.59 -8.23 -12.12
CA PHE A 22 11.22 -7.62 -13.28
C PHE A 22 10.21 -6.76 -14.04
N ALA A 23 10.66 -5.58 -14.48
CA ALA A 23 9.82 -4.70 -15.30
C ALA A 23 9.38 -5.40 -16.59
N GLY A 24 8.09 -5.31 -16.90
CA GLY A 24 7.55 -5.97 -18.07
C GLY A 24 6.77 -7.24 -17.76
N ASP A 25 6.96 -7.78 -16.56
CA ASP A 25 6.17 -8.93 -16.12
C ASP A 25 4.82 -8.47 -15.55
N ASP A 26 3.80 -9.32 -15.69
CA ASP A 26 2.45 -9.00 -15.25
C ASP A 26 2.29 -9.06 -13.73
N ALA A 27 3.11 -9.86 -13.07
CA ALA A 27 3.01 -10.06 -11.63
C ALA A 27 4.39 -10.10 -10.98
N PRO A 28 4.47 -9.73 -9.69
CA PRO A 28 5.77 -9.85 -9.00
C PRO A 28 6.23 -11.29 -8.90
N ARG A 29 7.47 -11.54 -9.29
CA ARG A 29 8.08 -12.86 -9.19
C ARG A 29 8.18 -13.30 -7.72
N ALA A 30 8.42 -12.35 -6.83
CA ALA A 30 8.64 -12.66 -5.41
C ALA A 30 7.79 -11.79 -4.48
N VAL A 31 7.13 -12.46 -3.53
CA VAL A 31 6.34 -11.77 -2.53
C VAL A 31 6.65 -12.42 -1.18
N PHE A 32 7.13 -11.64 -0.23
CA PHE A 32 7.58 -12.18 1.03
C PHE A 32 7.44 -11.15 2.15
N PRO A 33 7.34 -11.60 3.41
CA PRO A 33 7.11 -10.70 4.54
C PRO A 33 8.28 -9.78 4.85
N SER A 34 7.96 -8.52 5.14
CA SER A 34 8.96 -7.50 5.42
CA SER A 34 8.98 -7.51 5.41
C SER A 34 9.46 -7.62 6.85
N ILE A 35 10.20 -8.69 7.14
CA ILE A 35 10.59 -8.93 8.51
C ILE A 35 12.02 -9.41 8.60
N VAL A 36 12.63 -9.14 9.74
CA VAL A 36 13.89 -9.77 10.06
C VAL A 36 13.69 -10.38 11.43
N ALA A 37 14.11 -11.62 11.58
CA ALA A 37 13.96 -12.29 12.87
C ALA A 37 15.30 -12.71 13.45
N ARG A 38 15.37 -12.69 14.77
CA ARG A 38 16.56 -13.14 15.49
C ARG A 38 16.17 -14.18 16.56
N PRO A 39 17.10 -15.10 16.88
CA PRO A 39 16.78 -16.17 17.84
C PRO A 39 16.40 -15.59 19.20
N ARG A 40 15.40 -16.18 19.85
CA ARG A 40 15.07 -15.81 21.22
C ARG A 40 16.04 -16.46 22.21
N HIS A 41 16.52 -17.67 21.88
CA HIS A 41 17.46 -18.40 22.73
C HIS A 41 18.63 -18.97 21.96
N GLN A 42 19.75 -19.04 22.63
CA GLN A 42 20.92 -19.79 22.17
C GLN A 42 20.53 -21.21 21.78
N LYS A 51 22.05 -19.28 12.31
CA LYS A 51 22.35 -17.95 11.82
C LYS A 51 22.04 -16.89 12.87
N ASP A 52 22.72 -15.75 12.82
CA ASP A 52 22.41 -14.65 13.73
C ASP A 52 21.07 -13.97 13.41
N SER A 53 20.65 -14.02 12.16
CA SER A 53 19.38 -13.40 11.77
C SER A 53 18.75 -14.13 10.58
N TYR A 54 17.44 -14.00 10.47
CA TYR A 54 16.69 -14.62 9.39
C TYR A 54 15.84 -13.56 8.73
N VAL A 55 15.78 -13.59 7.41
CA VAL A 55 15.11 -12.52 6.66
C VAL A 55 13.91 -13.04 5.88
N GLY A 56 12.82 -12.29 5.92
CA GLY A 56 11.70 -12.54 5.03
C GLY A 56 11.08 -13.91 5.23
N ASP A 57 10.96 -14.67 4.15
CA ASP A 57 10.37 -16.00 4.23
C ASP A 57 11.15 -16.93 5.17
N GLU A 58 12.46 -16.70 5.30
CA GLU A 58 13.31 -17.53 6.16
C GLU A 58 12.94 -17.32 7.63
N ALA A 59 12.58 -16.09 7.99
CA ALA A 59 12.12 -15.81 9.34
C ALA A 59 10.70 -16.37 9.55
N GLN A 60 9.85 -16.22 8.54
CA GLN A 60 8.49 -16.74 8.59
C GLN A 60 8.48 -18.25 8.91
N SER A 61 9.33 -18.99 8.24
CA SER A 61 9.37 -20.44 8.41
C SER A 61 9.87 -20.88 9.79
N LYS A 62 10.46 -19.96 10.55
CA LYS A 62 10.96 -20.29 11.87
C LYS A 62 10.42 -19.32 12.91
N ARG A 63 9.25 -18.74 12.61
CA ARG A 63 8.69 -17.66 13.40
CA ARG A 63 8.71 -17.66 13.41
C ARG A 63 8.50 -17.99 14.89
N GLY A 64 8.23 -19.26 15.18
CA GLY A 64 8.00 -19.69 16.55
C GLY A 64 9.19 -19.51 17.48
N ILE A 65 10.39 -19.55 16.91
CA ILE A 65 11.60 -19.48 17.73
C ILE A 65 12.33 -18.15 17.59
N LEU A 66 11.72 -17.21 16.89
CA LEU A 66 12.39 -15.95 16.59
C LEU A 66 11.60 -14.74 17.10
N THR A 67 12.33 -13.68 17.42
CA THR A 67 11.73 -12.38 17.69
C THR A 67 11.69 -11.62 16.36
N LEU A 68 10.51 -11.20 15.93
CA LEU A 68 10.35 -10.58 14.63
C LEU A 68 10.43 -9.07 14.75
N LYS A 69 11.06 -8.44 13.76
CA LYS A 69 11.08 -6.99 13.68
C LYS A 69 10.66 -6.54 12.28
N TYR A 70 9.84 -5.51 12.20
CA TYR A 70 9.45 -4.89 10.92
C TYR A 70 10.32 -3.66 10.65
N PRO A 71 11.15 -3.69 9.62
CA PRO A 71 12.05 -2.54 9.37
C PRO A 71 11.31 -1.34 8.77
N ILE A 72 10.10 -1.58 8.26
CA ILE A 72 9.28 -0.50 7.69
C ILE A 72 8.04 -0.26 8.54
N GLU A 73 7.90 0.96 9.04
CA GLU A 73 6.77 1.32 9.89
C GLU A 73 5.87 2.38 9.27
N HIS A 74 4.59 2.05 9.09
CA HIS A 74 3.63 2.93 8.43
C HIS A 74 4.15 3.41 7.08
N GLY A 75 4.81 2.52 6.36
CA GLY A 75 5.28 2.81 5.02
C GLY A 75 6.64 3.51 4.94
N ILE A 76 7.22 3.84 6.10
CA ILE A 76 8.50 4.55 6.14
C ILE A 76 9.58 3.61 6.68
N ILE A 77 10.69 3.51 5.96
CA ILE A 77 11.83 2.74 6.47
C ILE A 77 12.36 3.36 7.76
N THR A 78 12.43 2.56 8.83
CA THR A 78 12.91 3.05 10.12
C THR A 78 14.09 2.25 10.68
N ASN A 79 14.36 1.07 10.11
CA ASN A 79 15.55 0.30 10.46
C ASN A 79 16.38 -0.01 9.23
N TRP A 80 17.42 0.81 9.02
CA TRP A 80 18.20 0.76 7.79
C TRP A 80 19.07 -0.49 7.65
N ASP A 81 19.61 -0.97 8.76
CA ASP A 81 20.42 -2.19 8.71
C ASP A 81 19.56 -3.39 8.31
N ASP A 82 18.39 -3.50 8.93
CA ASP A 82 17.46 -4.58 8.61
C ASP A 82 16.89 -4.44 7.20
N MET A 83 16.68 -3.20 6.77
CA MET A 83 16.21 -2.97 5.41
C MET A 83 17.26 -3.42 4.38
N GLU A 84 18.54 -3.20 4.69
CA GLU A 84 19.59 -3.65 3.79
C GLU A 84 19.56 -5.18 3.66
N LYS A 85 19.27 -5.85 4.76
CA LYS A 85 19.08 -7.30 4.74
C LYS A 85 17.91 -7.68 3.83
N ILE A 86 16.81 -6.93 3.93
CA ILE A 86 15.65 -7.18 3.09
C ILE A 86 16.03 -7.06 1.61
N TRP A 87 16.69 -5.97 1.26
CA TRP A 87 17.09 -5.76 -0.13
C TRP A 87 18.09 -6.81 -0.62
N HIS A 88 19.02 -7.18 0.24
CA HIS A 88 20.00 -8.21 -0.12
C HIS A 88 19.27 -9.51 -0.44
N HIS A 89 18.32 -9.87 0.41
CA HIS A 89 17.54 -11.09 0.27
C HIS A 89 16.67 -11.03 -1.00
N THR A 90 16.18 -9.83 -1.30
CA THR A 90 15.38 -9.60 -2.51
C THR A 90 16.20 -9.87 -3.76
N PHE A 91 17.39 -9.27 -3.82
CA PHE A 91 18.26 -9.39 -4.99
C PHE A 91 18.80 -10.80 -5.14
N TYR A 92 19.46 -11.29 -4.09
CA TYR A 92 20.23 -12.52 -4.20
C TYR A 92 19.41 -13.79 -3.99
N ASN A 93 18.63 -13.86 -2.92
CA ASN A 93 17.82 -15.04 -2.63
CA ASN A 93 17.83 -15.05 -2.66
C ASN A 93 16.54 -15.12 -3.48
N GLU A 94 15.80 -14.01 -3.56
CA GLU A 94 14.50 -14.05 -4.23
C GLU A 94 14.57 -13.95 -5.76
N LEU A 95 15.22 -12.91 -6.28
CA LEU A 95 15.28 -12.72 -7.73
C LEU A 95 16.50 -13.37 -8.39
N ARG A 96 17.49 -13.72 -7.58
CA ARG A 96 18.72 -14.33 -8.07
C ARG A 96 19.37 -13.50 -9.17
N VAL A 97 19.59 -12.22 -8.89
CA VAL A 97 20.20 -11.31 -9.84
C VAL A 97 21.36 -10.56 -9.19
N ALA A 98 22.25 -10.01 -10.02
CA ALA A 98 23.31 -9.15 -9.52
C ALA A 98 22.87 -7.71 -9.69
N PRO A 99 22.67 -7.00 -8.56
CA PRO A 99 22.09 -5.66 -8.56
C PRO A 99 22.89 -4.66 -9.38
N GLU A 100 24.18 -4.91 -9.59
CA GLU A 100 24.99 -4.02 -10.40
C GLU A 100 24.69 -4.20 -11.88
N GLU A 101 23.88 -5.20 -12.21
CA GLU A 101 23.53 -5.47 -13.61
C GLU A 101 22.14 -5.01 -14.01
N HIS A 102 21.44 -4.33 -13.10
CA HIS A 102 20.03 -4.00 -13.34
C HIS A 102 19.62 -2.63 -12.80
N PRO A 103 19.02 -1.80 -13.65
CA PRO A 103 18.36 -0.60 -13.14
C PRO A 103 17.28 -1.02 -12.14
N THR A 104 17.15 -0.31 -11.03
CA THR A 104 16.21 -0.71 -9.98
C THR A 104 15.22 0.39 -9.58
N LEU A 105 13.93 0.10 -9.73
CA LEU A 105 12.90 1.04 -9.30
C LEU A 105 12.40 0.63 -7.91
N LEU A 106 12.51 1.55 -6.95
CA LEU A 106 12.00 1.33 -5.60
C LEU A 106 10.75 2.17 -5.41
N THR A 107 9.93 1.80 -4.43
CA THR A 107 8.76 2.59 -4.08
C THR A 107 8.89 3.26 -2.71
N GLU A 108 8.08 4.29 -2.50
CA GLU A 108 8.06 4.99 -1.22
C GLU A 108 6.66 5.44 -0.90
N ALA A 109 6.42 5.72 0.37
CA ALA A 109 5.13 6.25 0.80
C ALA A 109 5.00 7.70 0.39
N PRO A 110 3.75 8.16 0.16
CA PRO A 110 3.50 9.59 0.00
C PRO A 110 4.12 10.34 1.18
N LEU A 111 4.73 11.49 0.92
CA LEU A 111 5.29 12.35 1.96
C LEU A 111 6.48 11.73 2.72
N ASN A 112 7.10 10.71 2.13
CA ASN A 112 8.35 10.18 2.65
C ASN A 112 9.37 11.31 2.76
N PRO A 113 9.98 11.49 3.94
CA PRO A 113 10.95 12.57 4.09
C PRO A 113 12.12 12.50 3.11
N LYS A 114 12.62 13.68 2.70
CA LYS A 114 13.70 13.76 1.74
C LYS A 114 14.94 13.01 2.22
N ALA A 115 15.23 13.08 3.51
CA ALA A 115 16.42 12.42 4.05
C ALA A 115 16.29 10.90 3.94
N ASN A 116 15.07 10.41 4.08
CA ASN A 116 14.81 8.98 3.91
CA ASN A 116 14.81 8.98 3.90
C ASN A 116 15.12 8.55 2.47
N ARG A 117 14.58 9.28 1.50
CA ARG A 117 14.81 8.94 0.08
C ARG A 117 16.25 9.16 -0.37
N GLU A 118 16.96 10.08 0.27
CA GLU A 118 18.38 10.25 -0.01
C GLU A 118 19.16 9.04 0.50
N LYS A 119 18.82 8.58 1.70
CA LYS A 119 19.47 7.40 2.28
C LYS A 119 19.20 6.14 1.46
N MET A 120 17.98 6.00 0.94
CA MET A 120 17.63 4.87 0.08
C MET A 120 18.50 4.91 -1.18
N THR A 121 18.63 6.11 -1.75
CA THR A 121 19.42 6.29 -2.97
C THR A 121 20.89 5.98 -2.73
N GLN A 122 21.41 6.46 -1.61
CA GLN A 122 22.80 6.22 -1.25
C GLN A 122 23.07 4.73 -1.08
N ILE A 123 22.18 4.03 -0.39
CA ILE A 123 22.38 2.61 -0.15
C ILE A 123 22.38 1.83 -1.46
N MET A 124 21.46 2.16 -2.36
CA MET A 124 21.39 1.50 -3.67
C MET A 124 22.67 1.66 -4.50
N PHE A 125 23.14 2.89 -4.63
CA PHE A 125 24.35 3.13 -5.42
C PHE A 125 25.62 2.64 -4.72
N GLU A 126 25.69 2.80 -3.41
CA GLU A 126 26.95 2.56 -2.71
C GLU A 126 27.09 1.18 -2.06
N THR A 127 25.98 0.57 -1.67
CA THR A 127 26.03 -0.77 -1.08
C THR A 127 25.79 -1.82 -2.16
N PHE A 128 24.83 -1.56 -3.04
CA PHE A 128 24.42 -2.56 -4.03
C PHE A 128 25.00 -2.29 -5.41
N ASN A 129 25.56 -1.10 -5.59
CA ASN A 129 26.23 -0.73 -6.84
C ASN A 129 25.33 -0.82 -8.08
N VAL A 130 24.05 -0.45 -7.93
CA VAL A 130 23.13 -0.48 -9.06
C VAL A 130 23.60 0.49 -10.15
N PRO A 131 23.41 0.12 -11.42
CA PRO A 131 23.80 0.99 -12.54
C PRO A 131 22.90 2.22 -12.64
N ALA A 132 21.68 2.10 -12.14
CA ALA A 132 20.70 3.17 -12.19
C ALA A 132 19.53 2.84 -11.28
N MET A 133 18.82 3.87 -10.83
CA MET A 133 17.66 3.66 -9.99
C MET A 133 16.66 4.82 -10.03
N TYR A 134 15.51 4.61 -9.39
CA TYR A 134 14.47 5.62 -9.34
C TYR A 134 13.58 5.30 -8.15
N VAL A 135 13.03 6.33 -7.50
CA VAL A 135 12.11 6.12 -6.39
C VAL A 135 10.75 6.73 -6.71
N ALA A 136 9.72 5.88 -6.78
CA ALA A 136 8.38 6.32 -7.17
C ALA A 136 7.40 6.22 -6.01
N ILE A 137 6.40 7.09 -6.02
CA ILE A 137 5.38 7.10 -4.99
C ILE A 137 4.38 5.98 -5.22
N GLN A 138 4.17 5.15 -4.20
CA GLN A 138 3.26 4.01 -4.30
C GLN A 138 1.91 4.34 -4.95
N ALA A 139 1.20 5.32 -4.39
CA ALA A 139 -0.13 5.67 -4.91
C ALA A 139 -0.09 6.06 -6.38
N VAL A 140 0.98 6.73 -6.78
CA VAL A 140 1.10 7.15 -8.17
C VAL A 140 1.21 5.94 -9.10
N LEU A 141 2.03 4.97 -8.71
CA LEU A 141 2.16 3.74 -9.50
C LEU A 141 0.83 3.01 -9.65
N SER A 142 0.01 3.00 -8.60
CA SER A 142 -1.30 2.34 -8.70
C SER A 142 -2.20 3.07 -9.69
N LEU A 143 -2.13 4.40 -9.68
CA LEU A 143 -2.91 5.19 -10.62
C LEU A 143 -2.54 4.80 -12.05
N TYR A 144 -1.23 4.80 -12.32
CA TYR A 144 -0.69 4.42 -13.61
C TYR A 144 -1.15 3.03 -14.04
N ALA A 145 -1.12 2.08 -13.11
CA ALA A 145 -1.49 0.70 -13.40
C ALA A 145 -2.92 0.64 -13.93
N SER A 146 -3.77 1.54 -13.44
CA SER A 146 -5.15 1.62 -13.92
C SER A 146 -5.25 2.38 -15.24
N GLY A 147 -4.12 2.84 -15.76
CA GLY A 147 -4.08 3.53 -17.04
C GLY A 147 -4.35 5.02 -16.99
N ARG A 148 -4.29 5.61 -15.80
CA ARG A 148 -4.63 7.02 -15.60
C ARG A 148 -3.43 7.79 -15.11
N THR A 149 -3.41 9.11 -15.35
CA THR A 149 -2.41 9.98 -14.73
C THR A 149 -3.09 11.05 -13.87
N THR A 150 -4.42 11.04 -13.84
CA THR A 150 -5.17 11.93 -12.97
C THR A 150 -6.24 11.13 -12.24
N GLY A 151 -6.37 11.38 -10.93
CA GLY A 151 -7.33 10.64 -10.13
C GLY A 151 -6.95 10.76 -8.66
N ILE A 152 -7.76 10.16 -7.80
CA ILE A 152 -7.44 10.12 -6.38
C ILE A 152 -7.37 8.68 -5.93
N VAL A 153 -6.24 8.32 -5.31
CA VAL A 153 -5.97 6.95 -4.93
C VAL A 153 -6.16 6.76 -3.43
N LEU A 154 -6.95 5.76 -3.05
CA LEU A 154 -6.97 5.32 -1.67
C LEU A 154 -6.11 4.07 -1.56
N ASP A 155 -4.94 4.20 -0.93
CA ASP A 155 -4.02 3.06 -0.75
C ASP A 155 -4.06 2.65 0.71
N SER A 156 -4.71 1.54 1.00
CA SER A 156 -4.75 1.04 2.36
C SER A 156 -3.99 -0.29 2.39
N GLY A 157 -2.86 -0.30 3.09
CA GLY A 157 -2.00 -1.47 3.11
C GLY A 157 -2.05 -2.15 4.46
N ASP A 158 -0.88 -2.60 4.93
CA ASP A 158 -0.79 -3.26 6.23
C ASP A 158 -0.49 -2.27 7.33
N GLY A 159 0.28 -1.22 7.02
CA GLY A 159 0.78 -0.30 8.03
C GLY A 159 0.24 1.13 7.93
N VAL A 160 -0.21 1.53 6.76
CA VAL A 160 -0.71 2.89 6.62
C VAL A 160 -1.77 2.99 5.54
N THR A 161 -2.65 3.98 5.68
CA THR A 161 -3.61 4.28 4.63
C THR A 161 -3.42 5.74 4.21
N HIS A 162 -3.30 5.96 2.91
CA HIS A 162 -3.23 7.32 2.35
C HIS A 162 -4.34 7.56 1.32
N ASN A 163 -4.85 8.78 1.31
CA ASN A 163 -5.65 9.30 0.20
C ASN A 163 -4.77 10.27 -0.58
N VAL A 164 -4.49 9.94 -1.83
CA VAL A 164 -3.54 10.72 -2.60
C VAL A 164 -4.13 11.28 -3.91
N PRO A 165 -4.46 12.57 -3.92
CA PRO A 165 -4.96 13.17 -5.15
C PRO A 165 -3.80 13.45 -6.09
N ILE A 166 -3.96 13.08 -7.35
CA ILE A 166 -2.88 13.16 -8.32
C ILE A 166 -3.36 13.84 -9.58
N TYR A 167 -2.62 14.84 -10.04
CA TYR A 167 -2.97 15.52 -11.28
C TYR A 167 -1.86 15.41 -12.29
N GLU A 168 -2.13 14.76 -13.42
CA GLU A 168 -1.13 14.59 -14.49
C GLU A 168 0.18 14.00 -13.96
N GLY A 169 0.08 13.01 -13.08
CA GLY A 169 1.25 12.33 -12.56
C GLY A 169 1.79 12.92 -11.28
N TYR A 170 1.38 14.14 -10.97
CA TYR A 170 1.87 14.81 -9.77
C TYR A 170 0.95 14.62 -8.58
N ALA A 171 1.47 14.00 -7.51
CA ALA A 171 0.74 13.99 -6.25
C ALA A 171 0.65 15.42 -5.74
N LEU A 172 -0.46 15.76 -5.09
CA LEU A 172 -0.69 17.12 -4.63
C LEU A 172 -0.51 17.13 -3.13
N PRO A 173 0.72 17.47 -2.68
CA PRO A 173 1.11 17.17 -1.30
C PRO A 173 0.23 17.82 -0.25
N HIS A 174 -0.24 19.04 -0.54
N HIS A 174 -0.24 19.05 -0.51
CA HIS A 174 -1.11 19.80 0.35
CA HIS A 174 -1.08 19.74 0.46
C HIS A 174 -2.42 19.07 0.65
C HIS A 174 -2.41 19.02 0.69
N ALA A 175 -2.86 18.25 -0.30
CA ALA A 175 -4.17 17.58 -0.18
C ALA A 175 -4.10 16.09 0.23
N ILE A 176 -2.89 15.58 0.46
CA ILE A 176 -2.74 14.18 0.84
C ILE A 176 -3.23 13.98 2.26
N MET A 177 -3.95 12.88 2.50
CA MET A 177 -4.40 12.52 3.84
C MET A 177 -3.72 11.23 4.25
N ARG A 178 -3.21 11.19 5.48
CA ARG A 178 -2.64 9.98 6.04
C ARG A 178 -3.53 9.48 7.16
N LEU A 179 -3.81 8.18 7.15
CA LEU A 179 -4.58 7.54 8.21
C LEU A 179 -3.72 6.39 8.77
N ASP A 180 -3.34 6.49 10.04
CA ASP A 180 -2.58 5.44 10.73
C ASP A 180 -3.58 4.39 11.23
N LEU A 181 -4.37 3.88 10.29
CA LEU A 181 -5.27 2.78 10.51
C LEU A 181 -5.17 2.02 9.21
N ALA A 182 -4.75 0.76 9.30
CA ALA A 182 -4.62 -0.07 8.12
C ALA A 182 -4.81 -1.53 8.51
N GLY A 183 -4.40 -2.44 7.65
CA GLY A 183 -4.72 -3.85 7.83
C GLY A 183 -4.30 -4.47 9.14
N ARG A 184 -3.12 -4.09 9.65
CA ARG A 184 -2.63 -4.70 10.88
C ARG A 184 -3.51 -4.30 12.06
N ASP A 185 -3.88 -3.02 12.11
CA ASP A 185 -4.81 -2.55 13.13
C ASP A 185 -6.15 -3.28 13.04
N LEU A 186 -6.60 -3.59 11.83
CA LEU A 186 -7.89 -4.26 11.64
C LEU A 186 -7.81 -5.70 12.15
N THR A 187 -6.69 -6.36 11.89
CA THR A 187 -6.49 -7.71 12.44
C THR A 187 -6.54 -7.65 13.96
N ASP A 188 -5.82 -6.70 14.55
CA ASP A 188 -5.82 -6.52 16.01
C ASP A 188 -7.22 -6.29 16.55
N TYR A 189 -8.01 -5.49 15.84
CA TYR A 189 -9.37 -5.24 16.25
C TYR A 189 -10.21 -6.53 16.19
N LEU A 190 -10.04 -7.31 15.13
CA LEU A 190 -10.75 -8.56 15.00
C LEU A 190 -10.38 -9.54 16.14
N MET A 191 -9.11 -9.56 16.54
CA MET A 191 -8.71 -10.38 17.69
C MET A 191 -9.51 -9.99 18.91
N LYS A 192 -9.64 -8.68 19.11
CA LYS A 192 -10.31 -8.16 20.28
C LYS A 192 -11.79 -8.53 20.30
N ILE A 193 -12.50 -8.29 19.20
CA ILE A 193 -13.94 -8.56 19.20
C ILE A 193 -14.27 -10.06 19.12
N LEU A 194 -13.40 -10.87 18.53
CA LEU A 194 -13.56 -12.33 18.60
C LEU A 194 -13.35 -12.81 20.03
N THR A 195 -12.43 -12.17 20.73
CA THR A 195 -12.21 -12.50 22.13
C THR A 195 -13.47 -12.16 22.94
N GLU A 196 -14.03 -10.98 22.72
CA GLU A 196 -15.32 -10.63 23.34
C GLU A 196 -16.45 -11.61 22.99
N ARG A 197 -16.42 -12.17 21.79
CA ARG A 197 -17.41 -13.16 21.36
C ARG A 197 -17.29 -14.47 22.15
N GLY A 198 -16.10 -14.76 22.65
CA GLY A 198 -15.89 -15.97 23.43
C GLY A 198 -14.72 -16.84 22.98
N TYR A 199 -14.01 -16.40 21.94
CA TYR A 199 -12.82 -17.11 21.47
C TYR A 199 -11.58 -16.27 21.69
N SER A 200 -10.73 -16.70 22.61
CA SER A 200 -9.53 -15.99 22.99
C SER A 200 -8.46 -15.96 21.90
N PHE A 201 -8.24 -14.77 21.34
CA PHE A 201 -7.13 -14.57 20.40
C PHE A 201 -6.27 -13.43 20.93
N VAL A 202 -5.13 -13.79 21.52
CA VAL A 202 -4.34 -12.82 22.28
C VAL A 202 -2.84 -12.88 22.00
N THR A 203 -2.38 -13.99 21.43
CA THR A 203 -0.94 -14.18 21.26
C THR A 203 -0.44 -13.80 19.89
N THR A 204 0.88 -13.80 19.75
CA THR A 204 1.53 -13.40 18.51
C THR A 204 1.22 -14.35 17.36
N ALA A 205 1.31 -15.66 17.59
CA ALA A 205 0.93 -16.64 16.57
C ALA A 205 -0.55 -16.58 16.24
N GLU A 206 -1.38 -16.28 17.24
CA GLU A 206 -2.82 -16.21 16.98
C GLU A 206 -3.18 -15.02 16.11
N ARG A 207 -2.32 -14.01 16.10
CA ARG A 207 -2.59 -12.84 15.28
C ARG A 207 -2.59 -13.21 13.79
N GLU A 208 -1.68 -14.12 13.41
CA GLU A 208 -1.59 -14.56 12.02
C GLU A 208 -2.84 -15.32 11.65
N ILE A 209 -3.34 -16.11 12.60
CA ILE A 209 -4.54 -16.89 12.35
C ILE A 209 -5.70 -15.95 12.08
N VAL A 210 -5.84 -14.95 12.95
CA VAL A 210 -6.90 -13.95 12.81
C VAL A 210 -6.74 -13.10 11.53
N ARG A 211 -5.51 -12.87 11.11
CA ARG A 211 -5.33 -12.16 9.83
C ARG A 211 -5.97 -12.99 8.72
N ASP A 212 -5.73 -14.29 8.75
CA ASP A 212 -6.34 -15.17 7.75
C ASP A 212 -7.85 -15.17 7.80
N ILE A 213 -8.41 -15.20 9.01
CA ILE A 213 -9.87 -15.10 9.19
C ILE A 213 -10.37 -13.79 8.54
N LYS A 214 -9.70 -12.69 8.87
CA LYS A 214 -10.08 -11.37 8.35
C LYS A 214 -10.13 -11.39 6.84
N GLU A 215 -9.09 -11.94 6.22
CA GLU A 215 -8.97 -11.95 4.77
C GLU A 215 -9.99 -12.87 4.12
N LYS A 216 -10.38 -13.91 4.85
CA LYS A 216 -11.29 -14.92 4.34
C LYS A 216 -12.76 -14.55 4.49
N LEU A 217 -13.11 -13.96 5.63
CA LEU A 217 -14.51 -13.87 6.00
C LEU A 217 -15.05 -12.44 6.17
N CYS A 218 -14.16 -11.45 6.26
CA CYS A 218 -14.65 -10.10 6.52
C CYS A 218 -15.18 -9.41 5.27
N TYR A 219 -16.14 -8.52 5.48
CA TYR A 219 -16.68 -7.73 4.38
C TYR A 219 -17.22 -6.42 4.89
N VAL A 220 -17.46 -5.49 3.98
CA VAL A 220 -17.98 -4.17 4.33
C VAL A 220 -19.49 -4.10 4.03
N ALA A 221 -20.27 -3.82 5.06
CA ALA A 221 -21.71 -3.67 4.95
C ALA A 221 -22.01 -2.46 4.06
N LEU A 222 -23.09 -2.55 3.28
CA LEU A 222 -23.56 -1.39 2.51
C LEU A 222 -24.24 -0.44 3.48
N ASP A 223 -25.03 -1.00 4.39
CA ASP A 223 -25.61 -0.21 5.47
C ASP A 223 -25.37 -0.91 6.79
N PHE A 224 -24.51 -0.32 7.61
CA PHE A 224 -24.04 -0.97 8.83
C PHE A 224 -25.16 -1.28 9.78
N GLU A 225 -26.06 -0.33 10.01
CA GLU A 225 -27.17 -0.55 10.91
C GLU A 225 -28.07 -1.68 10.43
N ASN A 226 -28.39 -1.70 9.14
CA ASN A 226 -29.21 -2.79 8.60
C ASN A 226 -28.51 -4.14 8.74
N GLU A 227 -27.21 -4.17 8.46
CA GLU A 227 -26.48 -5.43 8.53
C GLU A 227 -26.43 -5.96 9.98
N MET A 228 -26.23 -5.06 10.94
CA MET A 228 -26.28 -5.43 12.35
C MET A 228 -27.66 -6.01 12.70
N ALA A 229 -28.72 -5.37 12.21
CA ALA A 229 -30.09 -5.87 12.41
C ALA A 229 -30.28 -7.30 11.88
N THR A 230 -29.79 -7.56 10.68
CA THR A 230 -29.83 -8.91 10.13
C THR A 230 -29.11 -9.93 11.01
N ALA A 231 -27.88 -9.59 11.40
CA ALA A 231 -27.05 -10.49 12.23
C ALA A 231 -27.76 -10.85 13.52
N ALA A 232 -28.54 -9.90 14.04
CA ALA A 232 -29.23 -10.10 15.29
C ALA A 232 -30.51 -10.92 15.11
N SER A 233 -31.11 -10.86 13.92
CA SER A 233 -32.40 -11.52 13.67
CA SER A 233 -32.39 -11.52 13.65
C SER A 233 -32.26 -12.96 13.17
N SER A 234 -31.15 -13.30 12.54
CA SER A 234 -30.93 -14.69 12.10
C SER A 234 -29.45 -15.03 12.12
N SER A 235 -29.10 -16.26 11.75
CA SER A 235 -27.71 -16.70 11.75
C SER A 235 -27.15 -16.88 10.34
N SER A 236 -27.86 -16.34 9.36
CA SER A 236 -27.47 -16.51 7.96
C SER A 236 -26.16 -15.80 7.61
N LEU A 237 -25.77 -14.80 8.40
CA LEU A 237 -24.50 -14.12 8.15
C LEU A 237 -23.35 -14.83 8.89
N GLU A 238 -23.69 -15.84 9.69
CA GLU A 238 -22.66 -16.58 10.44
C GLU A 238 -21.88 -17.53 9.56
N LYS A 239 -20.57 -17.63 9.84
CA LYS A 239 -19.71 -18.52 9.07
C LYS A 239 -18.78 -19.24 10.02
N SER A 240 -18.48 -20.49 9.71
CA SER A 240 -17.52 -21.26 10.50
C SER A 240 -16.13 -21.15 9.89
N TYR A 241 -15.12 -21.28 10.74
CA TYR A 241 -13.75 -21.18 10.26
C TYR A 241 -12.96 -22.29 10.92
N GLU A 242 -12.20 -23.03 10.13
CA GLU A 242 -11.41 -24.14 10.63
C GLU A 242 -9.95 -23.73 10.81
N LEU A 243 -9.48 -23.76 12.05
CA LEU A 243 -8.08 -23.52 12.37
C LEU A 243 -7.17 -24.59 11.77
N PRO A 244 -5.84 -24.32 11.70
CA PRO A 244 -4.91 -25.31 11.13
C PRO A 244 -4.94 -26.67 11.85
N ASP A 245 -5.35 -26.71 13.11
CA ASP A 245 -5.44 -27.99 13.84
C ASP A 245 -6.82 -28.68 13.76
N GLY A 246 -7.69 -28.19 12.88
CA GLY A 246 -9.00 -28.79 12.70
C GLY A 246 -10.07 -28.24 13.61
N GLN A 247 -9.69 -27.48 14.63
CA GLN A 247 -10.66 -26.91 15.53
C GLN A 247 -11.42 -25.78 14.82
N VAL A 248 -12.68 -25.59 15.19
CA VAL A 248 -13.58 -24.70 14.47
C VAL A 248 -14.07 -23.58 15.37
N ILE A 249 -14.21 -22.38 14.80
CA ILE A 249 -14.86 -21.30 15.51
C ILE A 249 -15.94 -20.72 14.61
N THR A 250 -16.82 -19.91 15.19
CA THR A 250 -17.82 -19.21 14.38
C THR A 250 -17.59 -17.71 14.46
N ILE A 251 -17.96 -17.04 13.39
CA ILE A 251 -17.83 -15.58 13.33
C ILE A 251 -19.15 -15.03 12.81
N GLY A 252 -19.70 -14.06 13.52
CA GLY A 252 -20.97 -13.47 13.17
C GLY A 252 -20.80 -12.05 12.64
N ASN A 253 -21.36 -11.08 13.36
CA ASN A 253 -21.31 -9.69 12.92
C ASN A 253 -19.89 -9.09 12.95
N GLU A 254 -18.95 -9.83 13.52
CA GLU A 254 -17.55 -9.42 13.52
C GLU A 254 -17.02 -9.41 12.10
N ARG A 255 -17.62 -10.22 11.23
CA ARG A 255 -17.29 -10.19 9.81
C ARG A 255 -17.32 -8.77 9.22
N PHE A 256 -18.34 -7.98 9.55
CA PHE A 256 -18.43 -6.62 8.99
C PHE A 256 -18.09 -5.48 9.95
N ARG A 257 -18.17 -5.76 11.26
CA ARG A 257 -17.77 -4.79 12.26
C ARG A 257 -16.28 -4.48 12.16
N CYS A 258 -15.47 -5.48 11.82
CA CYS A 258 -14.02 -5.25 11.70
C CYS A 258 -13.67 -4.17 10.64
N PRO A 259 -13.98 -4.40 9.35
CA PRO A 259 -13.61 -3.35 8.39
C PRO A 259 -14.53 -2.11 8.44
N GLU A 260 -15.64 -2.18 9.17
CA GLU A 260 -16.43 -0.97 9.41
C GLU A 260 -15.58 0.13 10.06
N THR A 261 -14.57 -0.30 10.81
CA THR A 261 -13.60 0.61 11.41
C THR A 261 -13.01 1.60 10.40
N LEU A 262 -12.83 1.17 9.16
CA LEU A 262 -12.32 2.07 8.13
C LEU A 262 -13.21 3.29 7.95
N PHE A 263 -14.52 3.10 8.14
CA PHE A 263 -15.50 4.17 7.96
C PHE A 263 -15.82 4.81 9.29
N GLN A 264 -15.60 4.05 10.38
CA GLN A 264 -15.82 4.55 11.73
C GLN A 264 -14.60 4.27 12.62
N PRO A 265 -13.55 5.09 12.50
CA PRO A 265 -12.31 4.87 13.26
C PRO A 265 -12.53 4.92 14.78
N SER A 266 -13.62 5.53 15.22
CA SER A 266 -13.95 5.54 16.64
C SER A 266 -14.09 4.12 17.24
N PHE A 267 -14.31 3.12 16.38
CA PHE A 267 -14.41 1.72 16.84
C PHE A 267 -13.14 1.29 17.60
N ILE A 268 -12.00 1.86 17.23
CA ILE A 268 -10.75 1.61 17.94
C ILE A 268 -10.26 2.87 18.65
N GLY A 269 -11.20 3.76 18.97
CA GLY A 269 -10.91 4.91 19.80
C GLY A 269 -10.12 6.02 19.13
N MET A 270 -10.21 6.10 17.81
CA MET A 270 -9.55 7.18 17.08
C MET A 270 -10.58 8.24 16.73
N GLU A 271 -10.16 9.50 16.72
CA GLU A 271 -11.05 10.61 16.43
C GLU A 271 -11.10 10.91 14.95
N SER A 272 -10.16 10.35 14.21
CA SER A 272 -10.05 10.61 12.79
C SER A 272 -11.34 10.35 12.00
N ALA A 273 -11.44 11.01 10.86
CA ALA A 273 -12.50 10.77 9.89
C ALA A 273 -12.28 9.44 9.20
N GLY A 274 -13.36 8.83 8.74
CA GLY A 274 -13.28 7.58 8.02
C GLY A 274 -12.81 7.80 6.59
N ILE A 275 -12.49 6.72 5.89
CA ILE A 275 -11.91 6.82 4.56
C ILE A 275 -12.81 7.55 3.55
N HIS A 276 -14.12 7.47 3.71
CA HIS A 276 -15.03 8.22 2.83
C HIS A 276 -14.87 9.73 3.04
N GLU A 277 -14.82 10.15 4.30
CA GLU A 277 -14.63 11.55 4.64
C GLU A 277 -13.26 12.07 4.25
N THR A 278 -12.22 11.25 4.45
CA THR A 278 -10.88 11.69 4.06
C THR A 278 -10.80 11.87 2.56
N THR A 279 -11.54 11.06 1.82
CA THR A 279 -11.58 11.20 0.37
C THR A 279 -12.21 12.52 -0.02
N TYR A 280 -13.37 12.78 0.57
CA TYR A 280 -14.07 14.03 0.35
C TYR A 280 -13.20 15.25 0.76
N ASN A 281 -12.63 15.21 1.97
CA ASN A 281 -11.78 16.31 2.46
C ASN A 281 -10.58 16.58 1.56
N SER A 282 -9.99 15.50 1.04
CA SER A 282 -8.84 15.61 0.15
C SER A 282 -9.18 16.32 -1.14
N ILE A 283 -10.28 15.92 -1.75
CA ILE A 283 -10.72 16.55 -2.99
C ILE A 283 -11.02 18.02 -2.78
N MET A 284 -11.67 18.33 -1.67
CA MET A 284 -12.07 19.70 -1.39
C MET A 284 -10.88 20.62 -1.10
N LYS A 285 -9.69 20.04 -0.91
CA LYS A 285 -8.48 20.86 -0.74
C LYS A 285 -7.79 21.13 -2.07
N CYS A 286 -8.27 20.51 -3.15
CA CYS A 286 -7.63 20.67 -4.46
C CYS A 286 -8.23 21.82 -5.27
N ASP A 287 -7.51 22.20 -6.32
CA ASP A 287 -7.98 23.25 -7.23
C ASP A 287 -9.39 22.94 -7.70
N ILE A 288 -10.25 23.96 -7.69
CA ILE A 288 -11.67 23.81 -8.01
C ILE A 288 -11.92 23.08 -9.34
N ASP A 289 -11.05 23.29 -10.32
CA ASP A 289 -11.27 22.79 -11.68
C ASP A 289 -10.89 21.33 -11.87
N ILE A 290 -10.17 20.76 -10.91
CA ILE A 290 -9.81 19.35 -11.03
C ILE A 290 -10.66 18.43 -10.15
N ARG A 291 -11.49 19.02 -9.29
CA ARG A 291 -12.29 18.22 -8.35
C ARG A 291 -13.19 17.18 -9.03
N LYS A 292 -13.88 17.57 -10.10
CA LYS A 292 -14.75 16.62 -10.79
C LYS A 292 -13.94 15.48 -11.43
N ASP A 293 -12.71 15.76 -11.84
CA ASP A 293 -11.84 14.73 -12.39
C ASP A 293 -11.43 13.72 -11.31
N LEU A 294 -11.23 14.19 -10.08
CA LEU A 294 -10.89 13.29 -8.99
C LEU A 294 -12.09 12.41 -8.59
N TYR A 295 -13.27 13.02 -8.46
CA TYR A 295 -14.49 12.27 -8.14
C TYR A 295 -14.78 11.15 -9.14
N ALA A 296 -14.49 11.41 -10.40
CA ALA A 296 -14.74 10.45 -11.46
C ALA A 296 -13.62 9.40 -11.57
N ASN A 297 -12.58 9.55 -10.77
CA ASN A 297 -11.43 8.68 -10.90
C ASN A 297 -10.85 8.28 -9.55
N ASN A 298 -11.70 7.70 -8.73
CA ASN A 298 -11.35 7.27 -7.38
C ASN A 298 -10.83 5.83 -7.44
N VAL A 299 -9.53 5.64 -7.33
CA VAL A 299 -8.95 4.31 -7.47
C VAL A 299 -8.56 3.69 -6.13
N MET A 300 -9.03 2.46 -5.89
CA MET A 300 -8.68 1.70 -4.67
C MET A 300 -7.41 0.89 -4.88
N SER A 301 -6.55 0.85 -3.87
CA SER A 301 -5.35 0.04 -3.97
C SER A 301 -4.89 -0.47 -2.62
N GLY A 302 -4.20 -1.61 -2.62
CA GLY A 302 -3.69 -2.15 -1.38
C GLY A 302 -4.55 -3.28 -0.87
N GLY A 303 -3.96 -4.16 -0.07
CA GLY A 303 -4.64 -5.36 0.38
C GLY A 303 -5.83 -5.04 1.24
N THR A 304 -5.81 -3.90 1.92
CA THR A 304 -6.88 -3.58 2.86
C THR A 304 -8.10 -2.98 2.13
N THR A 305 -7.99 -2.81 0.82
CA THR A 305 -9.18 -2.46 0.04
C THR A 305 -9.82 -3.70 -0.60
N MET A 306 -9.42 -4.87 -0.13
CA MET A 306 -9.92 -6.12 -0.74
C MET A 306 -11.27 -6.60 -0.22
N TYR A 307 -11.80 -5.97 0.82
CA TYR A 307 -13.09 -6.37 1.39
C TYR A 307 -14.24 -6.37 0.38
N PRO A 308 -14.94 -7.51 0.28
CA PRO A 308 -16.17 -7.49 -0.52
C PRO A 308 -17.07 -6.39 -0.01
N GLY A 309 -17.73 -5.66 -0.91
CA GLY A 309 -18.64 -4.61 -0.52
C GLY A 309 -18.03 -3.21 -0.43
N ILE A 310 -16.70 -3.11 -0.41
CA ILE A 310 -16.05 -1.81 -0.11
C ILE A 310 -16.27 -0.69 -1.15
N ALA A 311 -16.22 -1.05 -2.43
CA ALA A 311 -16.39 -0.09 -3.51
C ALA A 311 -17.82 0.44 -3.54
N ASP A 312 -18.81 -0.43 -3.29
CA ASP A 312 -20.20 0.02 -3.27
C ASP A 312 -20.48 0.89 -2.06
N ARG A 313 -19.86 0.57 -0.94
CA ARG A 313 -19.99 1.40 0.24
C ARG A 313 -19.32 2.77 0.04
N MET A 314 -18.16 2.78 -0.60
CA MET A 314 -17.48 4.05 -0.91
C MET A 314 -18.33 4.91 -1.86
N GLN A 315 -18.86 4.28 -2.91
CA GLN A 315 -19.78 4.94 -3.84
C GLN A 315 -20.93 5.61 -3.07
N LYS A 316 -21.57 4.87 -2.18
CA LYS A 316 -22.68 5.38 -1.37
C LYS A 316 -22.28 6.58 -0.51
N GLU A 317 -21.22 6.41 0.28
CA GLU A 317 -20.84 7.44 1.25
C GLU A 317 -20.34 8.71 0.58
N ILE A 318 -19.59 8.56 -0.52
CA ILE A 318 -19.06 9.73 -1.22
C ILE A 318 -20.18 10.46 -1.97
N THR A 319 -21.09 9.68 -2.57
CA THR A 319 -22.28 10.26 -3.21
C THR A 319 -23.05 11.15 -2.22
N ALA A 320 -23.19 10.69 -0.98
CA ALA A 320 -23.87 11.49 0.04
C ALA A 320 -23.11 12.77 0.37
N LEU A 321 -21.78 12.72 0.32
CA LEU A 321 -20.96 13.89 0.65
C LEU A 321 -20.78 14.87 -0.51
N ALA A 322 -20.72 14.34 -1.72
CA ALA A 322 -20.43 15.16 -2.90
C ALA A 322 -21.64 15.99 -3.34
N PRO A 323 -21.40 17.00 -4.18
CA PRO A 323 -22.51 17.68 -4.85
C PRO A 323 -23.42 16.67 -5.55
N SER A 324 -24.73 16.87 -5.51
CA SER A 324 -25.65 15.79 -5.88
C SER A 324 -25.59 15.38 -7.37
N THR A 325 -25.07 16.25 -8.21
CA THR A 325 -24.94 15.92 -9.63
C THR A 325 -23.54 15.46 -10.02
N MET A 326 -22.64 15.36 -9.05
CA MET A 326 -21.27 14.94 -9.34
C MET A 326 -21.24 13.50 -9.86
N LYS A 327 -20.61 13.28 -11.02
CA LYS A 327 -20.35 11.91 -11.43
C LYS A 327 -19.28 11.31 -10.51
N ILE A 328 -19.66 10.29 -9.76
CA ILE A 328 -18.75 9.60 -8.82
C ILE A 328 -18.41 8.23 -9.35
N LYS A 329 -17.13 7.86 -9.38
CA LYS A 329 -16.75 6.54 -9.84
C LYS A 329 -15.64 5.93 -8.98
N ILE A 330 -15.89 4.72 -8.48
CA ILE A 330 -14.90 4.00 -7.68
C ILE A 330 -14.34 2.86 -8.53
N ILE A 331 -13.03 2.89 -8.76
CA ILE A 331 -12.37 1.86 -9.54
C ILE A 331 -11.60 0.93 -8.60
N ALA A 332 -11.93 -0.34 -8.63
CA ALA A 332 -11.34 -1.31 -7.72
C ALA A 332 -10.83 -2.49 -8.51
N PRO A 333 -9.61 -2.37 -9.07
CA PRO A 333 -9.10 -3.41 -9.96
C PRO A 333 -8.89 -4.73 -9.19
N PRO A 334 -9.06 -5.85 -9.87
CA PRO A 334 -8.99 -7.16 -9.21
C PRO A 334 -7.62 -7.44 -8.62
N GLU A 335 -6.57 -6.93 -9.28
CA GLU A 335 -5.20 -7.17 -8.81
C GLU A 335 -4.65 -6.05 -7.96
N ARG A 336 -5.52 -5.31 -7.28
CA ARG A 336 -5.10 -4.10 -6.56
C ARG A 336 -4.22 -4.35 -5.33
N LYS A 337 -4.16 -5.61 -4.88
CA LYS A 337 -3.16 -6.00 -3.87
C LYS A 337 -1.77 -5.73 -4.38
N TYR A 338 -1.62 -5.78 -5.71
CA TYR A 338 -0.30 -5.66 -6.34
C TYR A 338 -0.22 -4.54 -7.35
N SER A 339 -1.22 -3.66 -7.37
CA SER A 339 -1.27 -2.58 -8.36
C SER A 339 -0.09 -1.61 -8.27
N VAL A 340 0.44 -1.40 -7.07
CA VAL A 340 1.65 -0.59 -6.92
C VAL A 340 2.79 -1.23 -7.69
N TRP A 341 3.03 -2.52 -7.45
CA TRP A 341 4.08 -3.21 -8.18
C TRP A 341 3.81 -3.22 -9.68
N ILE A 342 2.57 -3.51 -10.07
CA ILE A 342 2.22 -3.62 -11.48
C ILE A 342 2.47 -2.29 -12.19
N GLY A 343 2.08 -1.20 -11.54
CA GLY A 343 2.31 0.13 -12.07
C GLY A 343 3.80 0.40 -12.25
N GLY A 344 4.60 -0.07 -11.30
CA GLY A 344 6.04 0.08 -11.40
C GLY A 344 6.61 -0.72 -12.56
N SER A 345 6.08 -1.91 -12.77
CA SER A 345 6.49 -2.76 -13.88
C SER A 345 6.19 -2.09 -15.23
N ILE A 346 4.96 -1.60 -15.37
CA ILE A 346 4.57 -0.85 -16.55
C ILE A 346 5.48 0.35 -16.79
N LEU A 347 5.61 1.19 -15.77
CA LEU A 347 6.38 2.42 -15.86
C LEU A 347 7.83 2.21 -16.27
N ALA A 348 8.49 1.25 -15.61
CA ALA A 348 9.91 1.02 -15.83
C ALA A 348 10.19 0.42 -17.21
N SER A 349 9.17 -0.14 -17.84
CA SER A 349 9.33 -0.77 -19.16
C SER A 349 8.89 0.15 -20.31
N LEU A 350 8.46 1.36 -20.01
CA LEU A 350 8.14 2.32 -21.05
C LEU A 350 9.44 2.89 -21.60
N SER A 351 9.56 2.89 -22.93
CA SER A 351 10.75 3.44 -23.57
C SER A 351 10.91 4.90 -23.18
N THR A 352 9.77 5.60 -23.09
CA THR A 352 9.75 7.01 -22.74
C THR A 352 10.19 7.28 -21.29
N PHE A 353 10.38 6.21 -20.52
CA PHE A 353 10.80 6.35 -19.13
C PHE A 353 12.31 6.27 -18.98
N GLN A 354 13.00 5.71 -19.97
CA GLN A 354 14.43 5.43 -19.86
C GLN A 354 15.28 6.69 -19.59
N GLN A 355 14.71 7.86 -19.89
CA GLN A 355 15.37 9.12 -19.61
C GLN A 355 15.19 9.55 -18.15
N MET A 356 14.34 8.83 -17.42
CA MET A 356 14.00 9.22 -16.05
C MET A 356 14.93 8.64 -14.97
N TRP A 357 15.50 7.47 -15.24
CA TRP A 357 16.42 6.81 -14.31
C TRP A 357 17.52 7.74 -13.81
N ILE A 358 17.91 7.55 -12.55
CA ILE A 358 19.10 8.20 -12.02
C ILE A 358 20.27 7.25 -12.26
N THR A 359 21.22 7.67 -13.10
CA THR A 359 22.35 6.81 -13.44
C THR A 359 23.46 6.90 -12.40
N LYS A 360 24.35 5.92 -12.40
CA LYS A 360 25.50 5.90 -11.50
C LYS A 360 26.38 7.11 -11.77
N GLN A 361 26.55 7.44 -13.05
CA GLN A 361 27.32 8.61 -13.43
C GLN A 361 26.65 9.88 -12.90
N GLU A 362 25.34 9.95 -13.04
CA GLU A 362 24.58 11.09 -12.53
C GLU A 362 24.68 11.19 -11.01
N TYR A 363 24.66 10.05 -10.33
CA TYR A 363 24.82 10.02 -8.88
C TYR A 363 26.22 10.47 -8.45
N ASP A 364 27.24 9.93 -9.11
CA ASP A 364 28.63 10.25 -8.78
C ASP A 364 28.94 11.74 -8.83
N GLU A 365 28.29 12.45 -9.74
CA GLU A 365 28.56 13.87 -9.94
C GLU A 365 27.67 14.77 -9.08
N ALA A 366 26.54 14.24 -8.65
CA ALA A 366 25.55 15.05 -7.93
C ALA A 366 25.35 14.63 -6.48
N GLY A 367 25.55 13.35 -6.18
CA GLY A 367 25.32 12.84 -4.84
C GLY A 367 23.88 12.40 -4.67
N PRO A 368 23.53 11.92 -3.45
CA PRO A 368 22.19 11.37 -3.17
C PRO A 368 21.06 12.39 -3.44
N SER A 369 21.38 13.67 -3.35
CA SER A 369 20.39 14.73 -3.49
C SER A 369 19.78 14.81 -4.89
N ILE A 370 20.35 14.05 -5.83
CA ILE A 370 19.83 14.01 -7.18
C ILE A 370 18.43 13.36 -7.23
N VAL A 371 18.08 12.61 -6.18
CA VAL A 371 16.75 12.02 -6.07
C VAL A 371 15.66 13.11 -6.05
N HIS A 372 16.02 14.30 -5.57
CA HIS A 372 15.09 15.41 -5.56
C HIS A 372 14.79 15.93 -6.97
N ARG A 373 15.81 15.91 -7.83
CA ARG A 373 15.69 16.45 -9.18
C ARG A 373 15.06 15.48 -10.18
N LYS A 374 15.34 14.19 -10.02
CA LYS A 374 14.98 13.21 -11.04
C LYS A 374 13.67 12.44 -10.74
N CYS A 375 13.39 12.22 -9.47
CA CYS A 375 12.23 11.42 -9.07
C CYS A 375 11.05 12.28 -8.62
N LYS B 5 -1.35 0.29 -21.16
CA LYS B 5 0.06 0.31 -21.52
C LYS B 5 0.31 1.36 -22.60
N ASP B 6 -0.30 1.17 -23.75
CA ASP B 6 -0.25 2.17 -24.83
C ASP B 6 -0.97 3.43 -24.37
N SER B 7 -2.02 3.24 -23.59
CA SER B 7 -2.83 4.34 -23.07
C SER B 7 -2.05 5.25 -22.11
N LEU B 8 -1.28 4.64 -21.22
CA LEU B 8 -0.54 5.39 -20.21
C LEU B 8 0.62 6.17 -20.80
N ALA B 9 1.29 5.57 -21.78
CA ALA B 9 2.47 6.18 -22.40
C ALA B 9 2.18 7.57 -22.99
N ILE B 10 1.04 7.71 -23.64
CA ILE B 10 0.69 8.97 -24.30
C ILE B 10 0.51 10.09 -23.28
N LYS B 11 -0.22 9.81 -22.22
CA LYS B 11 -0.46 10.81 -21.18
C LYS B 11 0.85 11.18 -20.48
N LEU B 12 1.74 10.21 -20.36
CA LEU B 12 3.05 10.44 -19.77
C LEU B 12 3.94 11.26 -20.70
N SER B 13 3.81 11.04 -22.00
CA SER B 13 4.55 11.82 -22.99
C SER B 13 4.09 13.27 -23.00
N ASN B 14 2.78 13.47 -22.80
CA ASN B 14 2.20 14.80 -22.79
C ASN B 14 2.12 15.39 -21.39
N ARG B 15 2.90 14.83 -20.47
CA ARG B 15 2.89 15.25 -19.07
C ARG B 15 3.58 16.62 -18.91
N PRO B 16 2.80 17.63 -18.51
CA PRO B 16 3.31 19.00 -18.34
C PRO B 16 4.36 19.11 -17.24
N SER B 17 5.17 20.16 -17.28
CA SER B 17 6.30 20.30 -16.37
C SER B 17 5.88 20.79 -14.98
N LYS B 18 6.81 20.71 -14.03
CA LYS B 18 6.55 21.21 -12.69
C LYS B 18 6.26 22.71 -12.71
N ARG B 19 6.87 23.43 -13.63
CA ARG B 19 6.62 24.86 -13.76
C ARG B 19 5.27 25.13 -14.42
N GLU B 20 5.02 24.47 -15.55
CA GLU B 20 3.79 24.66 -16.31
C GLU B 20 2.55 24.27 -15.50
N LEU B 21 2.78 23.55 -14.41
CA LEU B 21 1.70 23.11 -13.52
C LEU B 21 1.37 24.17 -12.48
N GLU B 22 2.41 24.80 -11.95
CA GLU B 22 2.25 25.88 -10.99
C GLU B 22 1.50 27.05 -11.62
N GLU B 23 1.74 27.24 -12.91
CA GLU B 23 1.10 28.30 -13.67
C GLU B 23 -0.42 28.21 -13.61
N LYS B 24 -0.95 26.99 -13.65
CA LYS B 24 -2.40 26.81 -13.60
C LYS B 24 -2.90 26.65 -12.17
N ASN B 25 -2.08 27.07 -11.20
CA ASN B 25 -2.40 27.02 -9.77
C ASN B 25 -2.59 25.62 -9.19
N ILE B 26 -2.40 24.59 -10.00
CA ILE B 26 -2.63 23.22 -9.54
C ILE B 26 -1.50 22.75 -8.63
N LEU B 27 -0.28 22.96 -9.07
CA LEU B 27 0.89 22.56 -8.31
C LEU B 27 1.48 23.72 -7.53
N PRO B 28 1.73 23.52 -6.23
CA PRO B 28 2.49 24.48 -5.43
C PRO B 28 3.90 24.67 -5.98
O5 LAB C . -2.67 -8.28 9.78
C18 LAB C . -1.55 -8.13 10.50
N1 LAB C . -0.44 -7.77 9.52
C16 LAB C . 0.87 -8.50 9.99
C17 LAB C . 0.52 -9.21 11.37
S1 LAB C . -1.08 -9.48 11.35
C15 LAB C . 1.48 -9.39 8.94
O4 LAB C . 0.77 -10.60 8.91
C14 LAB C . 1.45 -8.75 7.58
C13 LAB C . 2.35 -9.29 6.69
O2 LAB C . 1.83 -10.60 6.27
C12 LAB C . 3.69 -9.56 7.23
C11 LAB C . 3.53 -10.38 8.43
O3 LAB C . 2.80 -9.67 9.39
C10 LAB C . 4.87 -10.78 9.03
C9 LAB C . 4.83 -11.89 10.08
C8 LAB C . 4.23 -13.20 9.61
C20 LAB C . 4.32 -14.22 10.71
C7 LAB C . 4.95 -13.64 8.36
C6 LAB C . 4.31 -14.04 7.17
C5 LAB C . 2.91 -13.68 6.73
C4 LAB C . 2.81 -13.30 5.25
C3 LAB C . 1.47 -13.26 4.50
C19 LAB C . 0.82 -14.65 4.40
C2 LAB C . 0.46 -12.21 5.00
C1 LAB C . 0.94 -10.79 5.23
O1 LAB C . 0.25 -9.85 4.86
PG ATP D . 1.89 -0.50 3.45
O1G ATP D . 1.58 -0.04 2.09
O2G ATP D . 0.81 0.07 4.45
O3G ATP D . 3.32 -0.04 3.93
PB ATP D . 1.96 -3.24 2.43
O1B ATP D . 2.07 -2.58 1.06
O2B ATP D . 2.97 -4.40 2.80
O3B ATP D . 1.70 -2.13 3.48
PA ATP D . -0.43 -4.47 1.26
O1A ATP D . 0.56 -5.56 0.81
O2A ATP D . -1.06 -3.48 0.18
O3A ATP D . 0.39 -3.74 2.46
O5' ATP D . -1.49 -5.29 2.03
C5' ATP D . -1.34 -6.11 3.11
C4' ATP D . -2.53 -6.08 4.04
O4' ATP D . -3.71 -6.30 3.32
C3' ATP D . -2.49 -7.09 5.12
O3' ATP D . -2.88 -6.46 6.30
C2' ATP D . -3.44 -8.05 4.75
O2' ATP D . -3.98 -8.74 5.86
C1' ATP D . -4.45 -7.24 4.01
N9 ATP D . -5.23 -8.06 3.09
C8 ATP D . -4.74 -8.80 2.09
N7 ATP D . -5.75 -9.42 1.47
C5 ATP D . -6.90 -9.09 2.07
C6 ATP D . -8.22 -9.42 1.86
N6 ATP D . -8.59 -10.35 0.77
N1 ATP D . -9.15 -8.88 2.67
C2 ATP D . -8.82 -8.05 3.67
N3 ATP D . -7.54 -7.70 3.89
C4 ATP D . -6.57 -8.20 3.11
MG MG E . 1.86 -0.75 0.28
S SO4 F . 3.33 -4.50 15.96
O1 SO4 F . 2.04 -4.04 16.47
O2 SO4 F . 4.26 -3.38 15.99
O3 SO4 F . 3.86 -5.56 16.79
O4 SO4 F . 3.20 -4.98 14.60
C1 GOL G . 4.08 -12.04 -17.41
O1 GOL G . 4.85 -11.69 -18.53
C2 GOL G . 4.84 -13.03 -16.54
O2 GOL G . 6.19 -12.64 -16.42
C3 GOL G . 4.20 -13.08 -15.16
O3 GOL G . 4.86 -12.19 -14.29
#